data_9Q8L
#
_entry.id   9Q8L
#
_cell.length_a   61.839
_cell.length_b   70.241
_cell.length_c   163.684
_cell.angle_alpha   90.000
_cell.angle_beta   90.000
_cell.angle_gamma   90.000
#
_symmetry.space_group_name_H-M   'P 21 21 21'
#
loop_
_entity.id
_entity.type
_entity.pdbx_description
1 polymer 'Heavy chain of huIgG1-Fab'
2 polymer 'Light chain of huIgG1-Fab'
3 polymer 'Programmed cell death protein 1'
4 branched 2-acetamido-2-deoxy-beta-D-glucopyranose-(1-4)-[alpha-L-fucopyranose-(1-6)]2-acetamido-2-deoxy-beta-D-glucopyranose
5 non-polymer 1,2-ETHANEDIOL
6 non-polymer 'DIMETHYL SULFOXIDE'
7 non-polymer 'PHOSPHATE ION'
8 non-polymer 2-acetamido-2-deoxy-beta-D-glucopyranose
9 water water
#
loop_
_entity_poly.entity_id
_entity_poly.type
_entity_poly.pdbx_seq_one_letter_code
_entity_poly.pdbx_strand_id
1 'polypeptide(L)'
;EVQLLESGGGLVQPGGSLRLSCAASGFTFSINAMTWVRQAPGKGLEWVSTISGSGFSTYYADSLKGRFTISRDNSKNTLY
LQMNSLRAEDTAVYYCAKEVYGDYWGQGTLVTVSSASTKGPSVFPLAPSSKSTSGGTAALGCLVKDYFPEPVTVSWNSGA
LTSGVHTFPAVLQSSGLYSLSSVVTVPSSSLGTQTYICNVNHKPSNTKVDKRVEPKSC
;
H
2 'polypeptide(L)'
;RSVLTQPPSASGTPGQRVSISCSGASSNIGSQSVFWYQQLPGTAPKLLIYSNNQRPSGVPDRFSGSKSGTSASLAISGLR
SEDEADYYCAAWDDSLSIWVFGGGTKLTVLGQPKAAPSVTLFPPSSEELQANKATLVCLISDFYPGAVTVAWKADSSPVK
AGVETTTPSKQSNNKYAASSYLSLTPEQWKSHRSYSCQVTHEGSTVEKTVAPTECS
;
L
3 'polypeptide(L)'
;FLDSPDRPWNPPTFSPALLVVTEGDNATFTCSFSNTSESFVLNWYRMSPSNQTDKLAAFPEDRSQPGQDCRFRVTQLPNG
RDFHMSVVRARRNDSGTYLCGAISLAPKAQIKESLRAELRVTERRAEVPTAHPSPSPRPAGQFQTLV
;
A
#
loop_
_chem_comp.id
_chem_comp.type
_chem_comp.name
_chem_comp.formula
DMS non-polymer 'DIMETHYL SULFOXIDE' 'C2 H6 O S'
EDO non-polymer 1,2-ETHANEDIOL 'C2 H6 O2'
FUC L-saccharide, alpha linking alpha-L-fucopyranose 'C6 H12 O5'
NAG D-saccharide, beta linking 2-acetamido-2-deoxy-beta-D-glucopyranose 'C8 H15 N O6'
PO4 non-polymer 'PHOSPHATE ION' 'O4 P -3'
#
# COMPACT_ATOMS: atom_id res chain seq x y z
N GLU A 1 12.03 -8.49 8.61
CA GLU A 1 13.48 -8.15 8.46
C GLU A 1 13.57 -6.66 8.13
N VAL A 2 13.33 -6.30 6.86
CA VAL A 2 13.33 -4.89 6.47
C VAL A 2 12.13 -4.21 7.13
N GLN A 3 12.34 -3.03 7.71
CA GLN A 3 11.26 -2.20 8.19
C GLN A 3 11.51 -0.73 7.82
N LEU A 4 10.43 -0.06 7.41
CA LEU A 4 10.42 1.34 7.01
C LEU A 4 9.22 2.00 7.66
N LEU A 5 9.43 3.15 8.33
CA LEU A 5 8.39 3.78 9.13
C LEU A 5 8.42 5.28 8.82
N GLU A 6 7.37 5.77 8.14
CA GLU A 6 7.26 7.20 7.82
C GLU A 6 6.76 7.93 9.05
N SER A 7 7.15 9.21 9.21
CA SER A 7 6.43 10.13 10.08
C SER A 7 6.50 11.56 9.56
N GLY A 8 5.73 12.46 10.18
CA GLY A 8 5.77 13.86 9.81
C GLY A 8 4.57 14.29 8.96
N GLY A 9 3.67 13.34 8.69
CA GLY A 9 2.50 13.60 7.86
C GLY A 9 1.43 14.37 8.64
N GLY A 10 0.29 14.65 8.00
CA GLY A 10 -0.75 15.41 8.66
C GLY A 10 -1.14 16.65 7.84
N LEU A 11 -1.71 17.61 8.56
CA LEU A 11 -2.32 18.78 7.95
C LEU A 11 -1.28 19.87 7.77
N VAL A 12 -1.31 20.53 6.63
CA VAL A 12 -0.45 21.67 6.41
C VAL A 12 -1.22 22.67 5.57
N GLN A 13 -1.04 23.98 5.82
CA GLN A 13 -1.75 24.98 5.03
C GLN A 13 -1.14 25.19 3.65
N PRO A 14 -1.93 25.59 2.63
CA PRO A 14 -1.37 25.94 1.34
C PRO A 14 -0.29 27.02 1.44
N GLY A 15 0.78 26.86 0.64
CA GLY A 15 1.99 27.68 0.73
C GLY A 15 2.89 27.27 1.88
N GLY A 16 2.47 26.35 2.74
CA GLY A 16 3.29 25.91 3.84
C GLY A 16 4.34 24.89 3.38
N SER A 17 5.14 24.46 4.35
CA SER A 17 6.17 23.48 4.16
C SER A 17 6.07 22.38 5.23
N LEU A 18 6.61 21.21 4.90
CA LEU A 18 6.58 20.08 5.83
C LEU A 18 7.80 19.22 5.56
N ARG A 19 8.40 18.66 6.62
CA ARG A 19 9.44 17.67 6.47
C ARG A 19 8.93 16.28 6.87
N LEU A 20 8.95 15.32 5.93
CA LEU A 20 8.71 13.91 6.23
C LEU A 20 9.99 13.21 6.64
N SER A 21 9.86 12.23 7.53
CA SER A 21 10.98 11.34 7.89
C SER A 21 10.60 9.89 7.59
N CYS A 22 11.61 9.05 7.41
CA CYS A 22 11.44 7.63 7.27
C CYS A 22 12.57 6.92 8.01
N ALA A 23 12.21 6.18 9.07
CA ALA A 23 13.17 5.41 9.85
C ALA A 23 13.31 4.00 9.30
N ALA A 24 14.55 3.55 9.08
CA ALA A 24 14.81 2.29 8.42
C ALA A 24 15.61 1.35 9.33
N SER A 25 15.32 0.05 9.22
CA SER A 25 16.10 -1.00 9.89
C SER A 25 16.04 -2.32 9.11
N GLY A 26 17.02 -3.19 9.38
CA GLY A 26 17.00 -4.55 8.89
C GLY A 26 17.78 -4.73 7.59
N PHE A 27 18.56 -3.71 7.22
CA PHE A 27 19.44 -3.75 6.07
C PHE A 27 20.52 -2.72 6.30
N THR A 28 21.57 -2.77 5.48
CA THR A 28 22.69 -1.84 5.57
C THR A 28 22.31 -0.52 4.90
N PHE A 29 21.86 0.42 5.72
CA PHE A 29 21.28 1.65 5.21
C PHE A 29 22.30 2.49 4.44
N SER A 30 23.54 2.58 4.93
CA SER A 30 24.49 3.56 4.41
C SER A 30 24.84 3.30 2.95
N ILE A 31 24.63 2.08 2.44
CA ILE A 31 24.99 1.84 1.03
C ILE A 31 23.74 1.72 0.16
N ASN A 32 22.57 1.97 0.74
CA ASN A 32 21.32 1.62 0.09
C ASN A 32 20.65 2.86 -0.48
N ALA A 33 20.25 2.84 -1.76
CA ALA A 33 19.45 3.92 -2.31
C ALA A 33 18.06 3.88 -1.66
N MET A 34 17.43 5.04 -1.53
CA MET A 34 16.15 5.19 -0.86
C MET A 34 15.28 6.16 -1.65
N THR A 35 13.95 5.97 -1.59
CA THR A 35 13.07 6.64 -2.52
C THR A 35 11.82 7.15 -1.81
N TRP A 36 11.23 8.21 -2.38
CA TRP A 36 9.89 8.64 -2.02
C TRP A 36 8.99 8.50 -3.22
N VAL A 37 7.80 7.93 -2.98
CA VAL A 37 6.76 7.82 -3.99
C VAL A 37 5.49 8.37 -3.35
N ARG A 38 4.59 9.00 -4.12
CA ARG A 38 3.34 9.46 -3.51
C ARG A 38 2.17 9.03 -4.35
N GLN A 39 1.01 9.13 -3.72
CA GLN A 39 -0.21 8.69 -4.35
C GLN A 39 -1.39 9.52 -3.84
N ALA A 40 -1.99 10.26 -4.74
CA ALA A 40 -3.15 11.06 -4.38
C ALA A 40 -4.35 10.12 -4.26
N PRO A 41 -5.35 10.48 -3.42
CA PRO A 41 -6.51 9.60 -3.24
C PRO A 41 -7.16 9.18 -4.56
N GLY A 42 -7.31 7.88 -4.78
CA GLY A 42 -7.96 7.39 -5.98
C GLY A 42 -7.10 7.46 -7.25
N LYS A 43 -5.82 7.88 -7.16
CA LYS A 43 -4.99 8.05 -8.35
C LYS A 43 -3.80 7.09 -8.37
N GLY A 44 -2.95 7.20 -9.40
CA GLY A 44 -1.80 6.33 -9.58
C GLY A 44 -0.59 6.74 -8.73
N LEU A 45 0.38 5.83 -8.67
CA LEU A 45 1.64 6.09 -8.03
C LEU A 45 2.39 7.11 -8.84
N GLU A 46 3.03 8.01 -8.11
CA GLU A 46 3.90 9.02 -8.70
C GLU A 46 5.24 9.05 -7.98
N TRP A 47 6.29 8.64 -8.69
CA TRP A 47 7.64 8.75 -8.16
C TRP A 47 7.99 10.19 -7.86
N VAL A 48 8.57 10.44 -6.69
CA VAL A 48 8.93 11.77 -6.24
C VAL A 48 10.44 11.98 -6.37
N SER A 49 11.24 11.15 -5.70
CA SER A 49 12.68 11.38 -5.62
C SER A 49 13.42 10.11 -5.17
N THR A 50 14.67 9.95 -5.63
CA THR A 50 15.54 8.91 -5.14
C THR A 50 16.89 9.54 -4.73
N ILE A 51 17.48 9.00 -3.66
CA ILE A 51 18.80 9.42 -3.18
C ILE A 51 19.71 8.19 -3.07
N SER A 52 20.96 8.33 -3.53
CA SER A 52 21.98 7.30 -3.39
C SER A 52 22.36 7.10 -1.93
N GLY A 53 22.99 5.97 -1.63
CA GLY A 53 23.50 5.68 -0.29
C GLY A 53 24.33 6.81 0.33
N SER A 54 25.19 7.45 -0.48
CA SER A 54 26.08 8.46 0.03
C SER A 54 25.35 9.78 0.23
N GLY A 55 24.28 9.97 -0.52
CA GLY A 55 23.62 11.26 -0.58
C GLY A 55 24.12 12.11 -1.74
N PHE A 56 25.15 11.67 -2.48
CA PHE A 56 25.75 12.53 -3.49
C PHE A 56 25.02 12.43 -4.82
N SER A 57 24.03 11.53 -4.97
CA SER A 57 23.23 11.54 -6.19
C SER A 57 21.76 11.68 -5.78
N THR A 58 21.03 12.61 -6.39
CA THR A 58 19.62 12.78 -6.09
C THR A 58 18.94 12.98 -7.42
N TYR A 59 17.70 12.49 -7.55
CA TYR A 59 16.89 12.62 -8.75
C TYR A 59 15.48 13.01 -8.30
N TYR A 60 14.76 13.77 -9.14
CA TYR A 60 13.46 14.34 -8.79
C TYR A 60 12.53 14.27 -9.98
N ALA A 61 11.25 14.08 -9.70
CA ALA A 61 10.23 14.22 -10.70
C ALA A 61 10.31 15.66 -11.20
N ASP A 62 10.16 15.84 -12.51
CA ASP A 62 10.16 17.17 -13.12
C ASP A 62 8.99 18.04 -12.62
N SER A 63 7.81 17.42 -12.44
CA SER A 63 6.60 18.10 -11.99
C SER A 63 6.76 18.86 -10.67
N LEU A 64 7.78 18.56 -9.86
CA LEU A 64 7.86 19.17 -8.56
C LEU A 64 8.42 20.58 -8.66
N LYS A 65 9.12 20.87 -9.77
CA LYS A 65 9.70 22.18 -10.02
C LYS A 65 10.60 22.61 -8.86
N GLY A 66 11.42 21.68 -8.32
CA GLY A 66 12.41 21.94 -7.29
C GLY A 66 11.81 22.47 -5.97
N ARG A 67 10.54 22.15 -5.69
CA ARG A 67 9.91 22.48 -4.42
C ARG A 67 10.29 21.46 -3.34
N PHE A 68 10.75 20.27 -3.74
CA PHE A 68 11.08 19.22 -2.78
C PHE A 68 12.60 18.96 -2.76
N THR A 69 13.12 18.65 -1.57
CA THR A 69 14.50 18.25 -1.36
C THR A 69 14.53 16.93 -0.61
N ILE A 70 15.24 15.94 -1.19
CA ILE A 70 15.46 14.67 -0.53
C ILE A 70 16.81 14.76 0.20
N SER A 71 16.91 14.11 1.35
CA SER A 71 18.15 14.13 2.10
C SER A 71 18.14 12.91 3.00
N ARG A 72 19.29 12.57 3.57
CA ARG A 72 19.37 11.43 4.47
C ARG A 72 20.43 11.66 5.55
N ASP A 73 20.29 10.95 6.65
CA ASP A 73 21.30 10.90 7.68
C ASP A 73 21.62 9.43 8.01
N ASN A 74 22.75 8.94 7.48
CA ASN A 74 23.14 7.55 7.65
C ASN A 74 23.42 7.25 9.12
N SER A 75 23.87 8.24 9.91
CA SER A 75 24.06 8.08 11.34
C SER A 75 22.83 7.49 12.02
N LYS A 76 21.64 7.94 11.57
CA LYS A 76 20.41 7.67 12.29
C LYS A 76 19.51 6.73 11.49
N ASN A 77 19.99 6.22 10.36
CA ASN A 77 19.18 5.33 9.52
C ASN A 77 17.89 6.03 9.08
N THR A 78 17.98 7.32 8.75
CA THR A 78 16.76 8.10 8.51
C THR A 78 16.87 8.81 7.16
N LEU A 79 15.74 8.78 6.42
CA LEU A 79 15.54 9.47 5.17
C LEU A 79 14.60 10.67 5.36
N TYR A 80 14.79 11.74 4.61
CA TYR A 80 13.98 12.93 4.72
C TYR A 80 13.44 13.40 3.38
N LEU A 81 12.28 14.07 3.43
CA LEU A 81 11.75 14.81 2.31
C LEU A 81 11.26 16.16 2.82
N GLN A 82 11.92 17.23 2.39
CA GLN A 82 11.50 18.60 2.67
C GLN A 82 10.60 19.04 1.52
N MET A 83 9.38 19.47 1.85
CA MET A 83 8.41 19.85 0.84
C MET A 83 8.02 21.31 1.11
N ASN A 84 8.14 22.19 0.09
CA ASN A 84 7.87 23.60 0.29
C ASN A 84 6.79 24.05 -0.67
N SER A 85 6.17 25.20 -0.32
CA SER A 85 5.19 25.84 -1.20
C SER A 85 4.10 24.87 -1.58
N LEU A 86 3.52 24.20 -0.56
CA LEU A 86 2.61 23.10 -0.79
C LEU A 86 1.31 23.60 -1.36
N ARG A 87 0.77 22.85 -2.32
CA ARG A 87 -0.50 23.17 -2.97
C ARG A 87 -1.44 22.00 -2.74
N ALA A 88 -2.72 22.23 -2.95
CA ALA A 88 -3.76 21.20 -2.83
C ALA A 88 -3.36 19.92 -3.55
N GLU A 89 -2.78 20.07 -4.74
CA GLU A 89 -2.37 18.94 -5.57
C GLU A 89 -1.29 18.08 -4.90
N ASP A 90 -0.65 18.55 -3.84
CA ASP A 90 0.34 17.74 -3.16
C ASP A 90 -0.30 16.81 -2.12
N THR A 91 -1.60 16.95 -1.87
CA THR A 91 -2.33 16.08 -0.92
C THR A 91 -2.20 14.66 -1.45
N ALA A 92 -1.61 13.78 -0.63
CA ALA A 92 -1.34 12.40 -1.04
C ALA A 92 -0.78 11.60 0.12
N VAL A 93 -0.78 10.29 -0.06
CA VAL A 93 -0.01 9.41 0.76
C VAL A 93 1.43 9.39 0.24
N TYR A 94 2.37 9.62 1.15
CA TYR A 94 3.81 9.58 0.86
C TYR A 94 4.38 8.29 1.45
N TYR A 95 4.97 7.49 0.55
CA TYR A 95 5.61 6.24 0.90
C TYR A 95 7.12 6.39 0.77
N CYS A 96 7.80 5.94 1.82
CA CYS A 96 9.22 5.65 1.81
CA CYS A 96 9.22 5.70 1.67
C CYS A 96 9.43 4.27 1.19
N ALA A 97 10.47 4.11 0.38
CA ALA A 97 10.73 2.82 -0.23
C ALA A 97 12.22 2.61 -0.40
N LYS A 98 12.65 1.33 -0.37
CA LYS A 98 14.04 0.95 -0.48
C LYS A 98 14.36 0.69 -1.95
N GLU A 99 15.53 1.17 -2.41
CA GLU A 99 16.01 1.12 -3.79
C GLU A 99 15.25 2.13 -4.65
N VAL A 100 15.78 2.37 -5.85
CA VAL A 100 15.11 3.23 -6.83
C VAL A 100 13.76 2.60 -7.23
N TYR A 101 13.65 1.25 -7.18
CA TYR A 101 12.50 0.55 -7.69
C TYR A 101 11.59 0.01 -6.58
N GLY A 102 11.92 0.26 -5.30
CA GLY A 102 10.99 -0.10 -4.24
C GLY A 102 10.86 -1.62 -4.03
N ASP A 103 11.93 -2.27 -3.56
CA ASP A 103 11.84 -3.67 -3.17
C ASP A 103 11.03 -3.82 -1.90
N TYR A 104 11.06 -2.81 -1.01
CA TYR A 104 10.23 -2.76 0.18
C TYR A 104 9.66 -1.37 0.32
N TRP A 105 8.42 -1.30 0.79
CA TRP A 105 7.68 -0.05 0.96
C TRP A 105 7.22 0.10 2.40
N GLY A 106 7.23 1.33 2.92
CA GLY A 106 6.52 1.69 4.15
C GLY A 106 5.00 1.68 3.92
N GLN A 107 4.19 1.91 4.97
CA GLN A 107 2.74 1.90 4.85
C GLN A 107 2.27 3.29 4.43
N GLY A 108 3.17 4.25 4.45
CA GLY A 108 2.82 5.56 3.93
C GLY A 108 2.30 6.51 5.02
N THR A 109 2.35 7.79 4.73
CA THR A 109 1.81 8.81 5.62
C THR A 109 1.02 9.83 4.78
N LEU A 110 -0.21 10.18 5.25
CA LEU A 110 -1.09 11.05 4.48
C LEU A 110 -0.76 12.52 4.82
N VAL A 111 -0.46 13.28 3.77
CA VAL A 111 -0.30 14.72 3.85
C VAL A 111 -1.52 15.37 3.24
N THR A 112 -2.23 16.18 4.04
CA THR A 112 -3.41 16.92 3.62
C THR A 112 -3.07 18.42 3.58
N VAL A 113 -3.22 19.00 2.39
CA VAL A 113 -2.92 20.42 2.19
C VAL A 113 -4.23 21.19 2.19
N SER A 114 -4.53 21.87 3.31
CA SER A 114 -5.84 22.52 3.50
C SER A 114 -5.74 23.67 4.51
N SER A 115 -6.60 24.68 4.36
N SER A 115 -6.63 24.65 4.32
CA SER A 115 -6.70 25.75 5.33
CA SER A 115 -6.76 25.76 5.25
C SER A 115 -7.84 25.49 6.33
C SER A 115 -7.66 25.41 6.43
N ALA A 116 -8.40 24.29 6.34
CA ALA A 116 -9.39 23.94 7.34
C ALA A 116 -8.72 23.57 8.66
N SER A 117 -9.50 23.63 9.74
CA SER A 117 -9.04 23.39 11.08
C SER A 117 -9.05 21.90 11.46
N THR A 118 -8.03 21.49 12.22
CA THR A 118 -7.95 20.21 12.87
C THR A 118 -9.16 20.01 13.78
N LYS A 119 -9.67 18.77 13.82
CA LYS A 119 -10.69 18.43 14.80
C LYS A 119 -10.56 16.93 15.11
N GLY A 120 -10.46 16.62 16.40
CA GLY A 120 -10.41 15.24 16.84
C GLY A 120 -11.81 14.60 16.83
N PRO A 121 -11.92 13.25 16.72
CA PRO A 121 -13.20 12.55 16.60
C PRO A 121 -13.99 12.44 17.90
N SER A 122 -15.31 12.30 17.76
CA SER A 122 -16.17 11.81 18.82
C SER A 122 -16.49 10.36 18.46
N VAL A 123 -16.37 9.49 19.44
CA VAL A 123 -16.54 8.06 19.23
C VAL A 123 -17.78 7.63 19.99
N PHE A 124 -18.68 6.97 19.27
CA PHE A 124 -19.89 6.45 19.88
C PHE A 124 -19.95 4.95 19.67
N PRO A 125 -20.47 4.18 20.66
CA PRO A 125 -20.63 2.74 20.50
C PRO A 125 -21.81 2.36 19.58
N LEU A 126 -21.64 1.28 18.78
CA LEU A 126 -22.72 0.65 18.03
C LEU A 126 -22.99 -0.68 18.70
N ALA A 127 -23.92 -0.64 19.66
CA ALA A 127 -24.09 -1.70 20.64
C ALA A 127 -24.82 -2.88 20.01
N PRO A 128 -24.37 -4.13 20.31
CA PRO A 128 -25.07 -5.30 19.81
C PRO A 128 -26.37 -5.49 20.59
N SER A 129 -27.28 -6.21 19.96
CA SER A 129 -28.56 -6.51 20.58
C SER A 129 -29.11 -7.75 19.88
N SER A 130 -30.30 -8.21 20.24
CA SER A 130 -30.93 -9.29 19.48
C SER A 130 -31.01 -8.93 18.00
N LYS A 131 -31.05 -7.64 17.69
CA LYS A 131 -31.30 -7.19 16.35
C LYS A 131 -29.99 -7.13 15.57
N SER A 132 -28.84 -7.25 16.23
CA SER A 132 -27.63 -7.41 15.43
C SER A 132 -27.10 -8.84 15.50
N THR A 133 -27.95 -9.78 15.99
CA THR A 133 -27.53 -11.16 16.18
C THR A 133 -28.02 -11.97 14.99
N SER A 134 -27.13 -12.83 14.53
CA SER A 134 -27.42 -13.79 13.49
C SER A 134 -27.03 -15.16 14.03
N GLY A 135 -27.87 -15.68 14.93
CA GLY A 135 -27.64 -17.00 15.47
C GLY A 135 -26.39 -17.03 16.36
N GLY A 136 -25.38 -17.81 15.96
CA GLY A 136 -24.16 -17.95 16.75
C GLY A 136 -23.21 -16.74 16.64
N THR A 137 -23.53 -15.76 15.79
CA THR A 137 -22.68 -14.56 15.67
C THR A 137 -23.49 -13.27 15.89
N ALA A 138 -22.75 -12.23 16.26
CA ALA A 138 -23.32 -10.91 16.46
C ALA A 138 -22.33 -9.83 16.03
N ALA A 139 -22.90 -8.72 15.54
CA ALA A 139 -22.17 -7.54 15.08
C ALA A 139 -22.23 -6.46 16.14
N LEU A 140 -21.07 -5.81 16.35
CA LEU A 140 -20.98 -4.63 17.19
C LEU A 140 -19.95 -3.70 16.52
N GLY A 141 -19.98 -2.43 16.91
CA GLY A 141 -19.11 -1.49 16.22
C GLY A 141 -18.87 -0.22 17.00
N CYS A 142 -18.19 0.71 16.30
CA CYS A 142 -17.93 2.05 16.80
CA CYS A 142 -18.04 2.06 16.82
C CYS A 142 -18.10 3.02 15.65
N LEU A 143 -18.77 4.16 15.94
CA LEU A 143 -19.00 5.27 15.04
C LEU A 143 -17.98 6.34 15.38
N VAL A 144 -17.18 6.71 14.40
CA VAL A 144 -16.14 7.71 14.62
C VAL A 144 -16.56 8.96 13.87
N LYS A 145 -17.02 10.00 14.60
CA LYS A 145 -17.69 11.13 13.99
C LYS A 145 -16.82 12.38 13.96
N ASP A 146 -16.94 13.11 12.85
CA ASP A 146 -16.61 14.53 12.78
C ASP A 146 -15.15 14.85 13.10
N TYR A 147 -14.24 14.34 12.27
CA TYR A 147 -12.82 14.59 12.46
C TYR A 147 -12.22 15.21 11.19
N PHE A 148 -11.04 15.80 11.36
CA PHE A 148 -10.32 16.41 10.26
C PHE A 148 -8.89 16.64 10.67
N PRO A 149 -7.89 16.38 9.80
CA PRO A 149 -8.04 15.73 8.51
C PRO A 149 -8.12 14.19 8.64
N GLU A 150 -8.16 13.47 7.52
CA GLU A 150 -7.83 12.06 7.53
C GLU A 150 -6.39 11.83 7.94
N PRO A 151 -5.98 10.64 8.42
CA PRO A 151 -6.86 9.49 8.65
C PRO A 151 -7.14 9.16 10.11
N VAL A 152 -8.16 8.36 10.37
CA VAL A 152 -8.31 7.63 11.63
C VAL A 152 -8.01 6.16 11.38
N THR A 153 -7.34 5.49 12.34
CA THR A 153 -7.27 4.04 12.27
C THR A 153 -7.99 3.46 13.48
N VAL A 154 -8.49 2.21 13.33
CA VAL A 154 -9.26 1.58 14.40
C VAL A 154 -8.71 0.19 14.65
N SER A 155 -8.42 -0.12 15.89
CA SER A 155 -8.24 -1.52 16.23
C SER A 155 -9.26 -1.94 17.30
N TRP A 156 -9.31 -3.26 17.58
CA TRP A 156 -10.17 -3.78 18.63
C TRP A 156 -9.37 -4.53 19.67
N ASN A 157 -9.67 -4.27 20.94
CA ASN A 157 -9.04 -4.93 22.07
C ASN A 157 -7.50 -4.83 21.90
N SER A 158 -7.04 -3.63 21.52
CA SER A 158 -5.61 -3.29 21.41
C SER A 158 -4.88 -4.18 20.41
N GLY A 159 -5.59 -4.64 19.40
CA GLY A 159 -5.02 -5.47 18.36
C GLY A 159 -5.11 -6.96 18.65
N ALA A 160 -5.67 -7.37 19.78
CA ALA A 160 -5.86 -8.79 20.06
C ALA A 160 -6.99 -9.39 19.22
N LEU A 161 -7.92 -8.53 18.73
CA LEU A 161 -9.05 -8.98 17.92
C LEU A 161 -8.91 -8.38 16.54
N THR A 162 -8.57 -9.20 15.53
CA THR A 162 -8.46 -8.73 14.17
C THR A 162 -9.41 -9.50 13.27
N SER A 163 -9.77 -10.73 13.63
CA SER A 163 -10.65 -11.52 12.80
C SER A 163 -12.07 -10.98 12.88
N GLY A 164 -12.74 -10.94 11.74
CA GLY A 164 -14.10 -10.48 11.69
C GLY A 164 -14.22 -8.95 11.74
N VAL A 165 -13.09 -8.23 11.69
CA VAL A 165 -13.11 -6.76 11.71
C VAL A 165 -13.21 -6.19 10.32
N HIS A 166 -14.05 -5.16 10.16
CA HIS A 166 -14.01 -4.35 8.95
C HIS A 166 -14.12 -2.89 9.35
N THR A 167 -13.11 -2.08 8.97
CA THR A 167 -13.21 -0.64 9.18
C THR A 167 -13.43 -0.01 7.81
N PHE A 168 -14.52 0.75 7.70
CA PHE A 168 -15.06 1.29 6.48
C PHE A 168 -14.24 2.53 6.08
N PRO A 169 -14.29 2.88 4.79
CA PRO A 169 -13.83 4.19 4.31
C PRO A 169 -14.63 5.32 4.94
N ALA A 170 -14.01 6.50 5.03
CA ALA A 170 -14.68 7.64 5.60
C ALA A 170 -15.67 8.25 4.60
N VAL A 171 -16.74 8.84 5.13
CA VAL A 171 -17.56 9.76 4.38
C VAL A 171 -17.08 11.17 4.65
N LEU A 172 -17.15 12.03 3.62
CA LEU A 172 -16.87 13.46 3.77
C LEU A 172 -18.21 14.17 3.82
N GLN A 173 -18.53 14.78 4.96
CA GLN A 173 -19.84 15.39 5.07
C GLN A 173 -19.82 16.81 4.52
N SER A 174 -21.01 17.41 4.44
CA SER A 174 -21.10 18.73 3.84
C SER A 174 -20.45 19.77 4.76
N SER A 175 -20.34 19.45 6.07
CA SER A 175 -19.55 20.22 7.01
C SER A 175 -18.05 20.31 6.67
N GLY A 176 -17.52 19.44 5.79
CA GLY A 176 -16.08 19.32 5.57
C GLY A 176 -15.39 18.43 6.61
N LEU A 177 -16.15 17.77 7.47
CA LEU A 177 -15.61 16.81 8.42
C LEU A 177 -15.87 15.37 7.94
N TYR A 178 -14.97 14.47 8.35
CA TYR A 178 -15.05 13.06 8.02
C TYR A 178 -15.74 12.29 9.16
N SER A 179 -16.35 11.15 8.79
CA SER A 179 -16.85 10.16 9.74
C SER A 179 -16.55 8.78 9.17
N LEU A 180 -16.30 7.78 10.05
CA LEU A 180 -16.29 6.40 9.58
C LEU A 180 -16.84 5.50 10.68
N SER A 181 -17.00 4.21 10.34
CA SER A 181 -17.39 3.19 11.30
C SER A 181 -16.42 2.02 11.20
N SER A 182 -16.27 1.30 12.31
CA SER A 182 -15.64 -0.01 12.36
C SER A 182 -16.65 -1.00 12.93
N VAL A 183 -16.74 -2.18 12.34
CA VAL A 183 -17.61 -3.24 12.84
C VAL A 183 -16.79 -4.51 13.09
N VAL A 184 -17.27 -5.34 14.03
CA VAL A 184 -16.67 -6.65 14.23
C VAL A 184 -17.79 -7.64 14.49
N THR A 185 -17.63 -8.83 13.93
CA THR A 185 -18.53 -9.97 14.13
C THR A 185 -17.88 -10.88 15.15
N VAL A 186 -18.60 -11.24 16.23
CA VAL A 186 -18.05 -12.03 17.30
C VAL A 186 -19.04 -13.13 17.64
N PRO A 187 -18.64 -14.15 18.42
CA PRO A 187 -19.60 -15.15 18.89
C PRO A 187 -20.67 -14.52 19.75
N SER A 188 -21.93 -14.84 19.47
CA SER A 188 -23.01 -14.21 20.21
C SER A 188 -22.97 -14.64 21.67
N SER A 189 -22.39 -15.82 21.93
CA SER A 189 -22.21 -16.28 23.31
C SER A 189 -21.17 -15.48 24.09
N SER A 190 -20.33 -14.68 23.41
CA SER A 190 -19.32 -13.91 24.11
C SER A 190 -19.84 -12.54 24.59
N LEU A 191 -21.06 -12.12 24.20
CA LEU A 191 -21.48 -10.75 24.49
C LEU A 191 -21.53 -10.47 26.00
N GLY A 192 -21.87 -11.47 26.80
CA GLY A 192 -21.88 -11.28 28.25
C GLY A 192 -20.52 -11.48 28.96
N THR A 193 -19.51 -12.05 28.29
CA THR A 193 -18.34 -12.55 29.00
C THR A 193 -17.07 -11.84 28.57
N GLN A 194 -17.07 -11.29 27.33
CA GLN A 194 -15.86 -10.71 26.77
C GLN A 194 -16.10 -9.21 26.58
N THR A 195 -15.23 -8.38 27.15
CA THR A 195 -15.24 -6.96 26.90
C THR A 195 -14.74 -6.66 25.48
N TYR A 196 -15.44 -5.74 24.80
CA TYR A 196 -14.99 -5.32 23.49
C TYR A 196 -14.77 -3.80 23.51
N ILE A 197 -13.57 -3.39 23.09
CA ILE A 197 -13.20 -1.99 23.11
C ILE A 197 -12.67 -1.65 21.72
N CYS A 198 -13.16 -0.54 21.15
N CYS A 198 -13.14 -0.53 21.15
CA CYS A 198 -12.55 -0.06 19.93
CA CYS A 198 -12.56 -0.06 19.90
C CYS A 198 -11.50 0.99 20.29
C CYS A 198 -11.54 1.02 20.22
N ASN A 199 -10.35 0.87 19.63
CA ASN A 199 -9.21 1.75 19.83
C ASN A 199 -9.09 2.63 18.60
N VAL A 200 -9.42 3.92 18.78
CA VAL A 200 -9.46 4.84 17.66
C VAL A 200 -8.23 5.75 17.76
N ASN A 201 -7.43 5.83 16.68
CA ASN A 201 -6.25 6.71 16.66
C ASN A 201 -6.44 7.81 15.62
N HIS A 202 -6.26 9.08 16.05
CA HIS A 202 -6.28 10.21 15.12
C HIS A 202 -4.99 11.00 15.31
N LYS A 203 -3.92 10.53 14.65
CA LYS A 203 -2.59 11.10 14.84
C LYS A 203 -2.56 12.61 14.53
N PRO A 204 -3.30 13.12 13.52
CA PRO A 204 -3.30 14.57 13.25
C PRO A 204 -3.73 15.47 14.39
N SER A 205 -4.55 14.97 15.32
CA SER A 205 -4.87 15.71 16.52
C SER A 205 -4.20 15.17 17.79
N ASN A 206 -3.26 14.23 17.65
CA ASN A 206 -2.59 13.55 18.76
C ASN A 206 -3.59 12.93 19.74
N THR A 207 -4.66 12.38 19.21
CA THR A 207 -5.79 11.86 19.97
C THR A 207 -5.83 10.34 19.83
N LYS A 208 -6.13 9.66 20.94
CA LYS A 208 -6.54 8.26 20.91
C LYS A 208 -7.73 8.09 21.84
N VAL A 209 -8.71 7.34 21.37
CA VAL A 209 -9.93 7.12 22.15
C VAL A 209 -10.11 5.60 22.22
N ASP A 210 -10.34 5.07 23.44
CA ASP A 210 -10.71 3.68 23.65
C ASP A 210 -12.14 3.64 24.16
N LYS A 211 -13.09 3.15 23.35
CA LYS A 211 -14.48 3.20 23.68
C LYS A 211 -14.98 1.77 23.93
N ARG A 212 -15.50 1.51 25.13
CA ARG A 212 -16.06 0.21 25.45
C ARG A 212 -17.42 0.10 24.81
N VAL A 213 -17.72 -1.04 24.17
CA VAL A 213 -19.00 -1.22 23.49
C VAL A 213 -19.78 -2.27 24.27
N GLU A 214 -20.68 -1.79 25.13
CA GLU A 214 -21.49 -2.66 25.98
C GLU A 214 -22.72 -3.15 25.23
N PRO A 215 -23.12 -4.41 25.44
CA PRO A 215 -24.29 -4.95 24.79
C PRO A 215 -25.55 -4.35 25.39
N LYS A 216 -26.57 -4.20 24.56
CA LYS A 216 -27.90 -3.89 25.06
C LYS A 216 -28.59 -5.12 25.65
N SER A 217 -29.49 -4.91 26.61
CA SER A 217 -30.24 -6.02 27.20
C SER A 217 -31.50 -6.39 26.41
N CYS A 218 -31.60 -5.99 25.13
CA CYS A 218 -32.79 -6.21 24.32
C CYS A 218 -32.43 -6.84 22.95
N SER B 2 1.04 9.65 -17.41
CA SER B 2 2.29 8.84 -17.39
C SER B 2 2.72 8.40 -18.80
N VAL B 3 4.04 8.36 -18.95
CA VAL B 3 4.69 7.98 -20.19
C VAL B 3 4.84 6.45 -20.30
N LEU B 4 4.50 5.68 -19.25
CA LEU B 4 4.22 4.26 -19.45
C LEU B 4 2.70 4.00 -19.43
N THR B 5 2.15 3.50 -20.52
CA THR B 5 0.70 3.46 -20.60
C THR B 5 0.29 2.03 -20.33
N GLN B 6 -0.77 1.90 -19.55
CA GLN B 6 -1.34 0.60 -19.26
C GLN B 6 -2.84 0.70 -19.49
N PRO B 7 -3.52 -0.42 -19.78
CA PRO B 7 -4.97 -0.40 -19.81
C PRO B 7 -5.51 -0.01 -18.44
N PRO B 8 -6.55 0.82 -18.34
CA PRO B 8 -7.05 1.22 -17.03
C PRO B 8 -7.72 0.10 -16.25
N SER B 9 -8.18 -0.95 -16.96
CA SER B 9 -8.93 -2.05 -16.36
C SER B 9 -8.53 -3.35 -17.03
N ALA B 10 -8.67 -4.43 -16.28
CA ALA B 10 -8.49 -5.77 -16.83
C ALA B 10 -9.37 -6.69 -16.00
N SER B 11 -9.80 -7.79 -16.60
CA SER B 11 -10.68 -8.70 -15.86
C SER B 11 -10.53 -10.11 -16.41
N GLY B 12 -10.77 -11.10 -15.54
CA GLY B 12 -11.06 -12.46 -15.95
C GLY B 12 -11.89 -13.16 -14.86
N THR B 13 -12.13 -14.45 -15.04
CA THR B 13 -12.88 -15.25 -14.08
C THR B 13 -11.94 -16.23 -13.38
N PRO B 14 -12.33 -16.85 -12.27
CA PRO B 14 -11.39 -17.63 -11.47
C PRO B 14 -10.80 -18.78 -12.29
N GLY B 15 -9.49 -19.01 -12.11
CA GLY B 15 -8.76 -20.03 -12.86
C GLY B 15 -8.27 -19.58 -14.22
N GLN B 16 -8.71 -18.44 -14.74
CA GLN B 16 -8.24 -18.12 -16.07
C GLN B 16 -6.91 -17.36 -15.98
N ARG B 17 -6.34 -17.06 -17.15
CA ARG B 17 -5.06 -16.36 -17.29
C ARG B 17 -5.37 -14.98 -17.85
N VAL B 18 -4.83 -13.93 -17.22
CA VAL B 18 -5.04 -12.59 -17.73
C VAL B 18 -3.66 -11.97 -18.00
N SER B 19 -3.61 -11.05 -18.95
CA SER B 19 -2.38 -10.35 -19.27
C SER B 19 -2.59 -8.84 -19.17
N ILE B 20 -1.63 -8.12 -18.57
CA ILE B 20 -1.69 -6.67 -18.42
C ILE B 20 -0.47 -6.10 -19.16
N SER B 21 -0.73 -5.21 -20.12
CA SER B 21 0.35 -4.65 -20.93
C SER B 21 0.83 -3.32 -20.37
N CYS B 22 2.10 -3.01 -20.71
CA CYS B 22 2.77 -1.78 -20.35
C CYS B 22 3.53 -1.32 -21.60
N SER B 23 3.21 -0.13 -22.10
CA SER B 23 3.80 0.36 -23.34
C SER B 23 4.67 1.56 -23.01
N GLY B 24 5.86 1.59 -23.62
CA GLY B 24 6.81 2.64 -23.33
C GLY B 24 7.55 3.06 -24.61
N ALA B 25 8.82 3.44 -24.41
CA ALA B 25 9.65 3.99 -25.48
C ALA B 25 11.06 3.44 -25.39
N SER B 26 11.88 3.77 -26.40
N SER B 26 11.88 3.78 -26.41
CA SER B 26 13.23 3.23 -26.46
CA SER B 26 13.24 3.28 -26.50
C SER B 26 14.03 3.67 -25.23
C SER B 26 14.05 3.70 -25.26
N SER B 27 13.76 4.87 -24.71
CA SER B 27 14.50 5.39 -23.57
C SER B 27 14.10 4.71 -22.25
N ASN B 28 12.99 3.96 -22.24
CA ASN B 28 12.61 3.28 -21.01
C ASN B 28 12.55 1.78 -21.27
N ILE B 29 11.35 1.25 -21.55
CA ILE B 29 11.19 -0.18 -21.71
C ILE B 29 12.17 -0.73 -22.77
N GLY B 30 12.41 0.03 -23.83
CA GLY B 30 13.30 -0.46 -24.88
C GLY B 30 14.72 -0.75 -24.39
N SER B 31 15.24 -0.01 -23.41
CA SER B 31 16.63 -0.12 -23.04
C SER B 31 16.83 -0.41 -21.55
N GLN B 32 15.73 -0.56 -20.81
CA GLN B 32 15.84 -0.66 -19.36
C GLN B 32 14.95 -1.82 -18.90
N SER B 33 15.24 -2.29 -17.69
CA SER B 33 14.44 -3.33 -17.05
C SER B 33 13.07 -2.82 -16.60
N VAL B 34 12.07 -3.71 -16.72
CA VAL B 34 10.71 -3.45 -16.30
C VAL B 34 10.44 -4.16 -14.98
N PHE B 35 9.77 -3.42 -14.09
CA PHE B 35 9.39 -3.86 -12.77
C PHE B 35 7.86 -3.77 -12.65
N TRP B 36 7.26 -4.65 -11.85
CA TRP B 36 5.82 -4.62 -11.64
C TRP B 36 5.53 -4.67 -10.15
N TYR B 37 4.36 -4.09 -9.82
CA TYR B 37 3.89 -3.89 -8.47
C TYR B 37 2.42 -4.31 -8.37
N GLN B 38 2.10 -4.86 -7.19
CA GLN B 38 0.71 -5.19 -6.83
C GLN B 38 0.31 -4.31 -5.66
N GLN B 39 -0.85 -3.67 -5.78
CA GLN B 39 -1.36 -2.87 -4.68
C GLN B 39 -2.78 -3.34 -4.36
N LEU B 40 -2.86 -4.18 -3.32
CA LEU B 40 -4.16 -4.69 -2.84
C LEU B 40 -4.93 -3.54 -2.20
N PRO B 41 -6.30 -3.63 -2.13
CA PRO B 41 -7.09 -2.57 -1.52
C PRO B 41 -6.66 -2.22 -0.09
N GLY B 42 -6.48 -0.93 0.19
CA GLY B 42 -6.13 -0.46 1.51
C GLY B 42 -4.68 -0.74 1.91
N THR B 43 -3.78 -1.13 0.96
CA THR B 43 -2.42 -1.49 1.36
C THR B 43 -1.43 -0.68 0.53
N ALA B 44 -0.18 -0.67 0.97
CA ALA B 44 0.95 -0.14 0.20
C ALA B 44 1.29 -1.07 -0.95
N PRO B 45 1.90 -0.55 -2.04
CA PRO B 45 2.39 -1.44 -3.10
C PRO B 45 3.42 -2.41 -2.58
N LYS B 46 3.53 -3.52 -3.29
CA LYS B 46 4.61 -4.46 -3.12
C LYS B 46 5.18 -4.84 -4.49
N LEU B 47 6.51 -5.06 -4.49
CA LEU B 47 7.22 -5.52 -5.67
C LEU B 47 6.75 -6.92 -6.03
N LEU B 48 6.40 -7.10 -7.29
CA LEU B 48 5.88 -8.33 -7.84
C LEU B 48 6.87 -8.98 -8.81
N ILE B 49 7.50 -8.17 -9.70
CA ILE B 49 8.44 -8.64 -10.72
C ILE B 49 9.56 -7.61 -10.78
N TYR B 50 10.81 -8.09 -10.88
CA TYR B 50 11.98 -7.24 -11.10
C TYR B 50 12.75 -7.74 -12.33
N SER B 51 13.51 -6.83 -12.97
CA SER B 51 14.37 -7.22 -14.08
C SER B 51 13.60 -7.96 -15.17
N ASN B 52 12.43 -7.42 -15.57
CA ASN B 52 11.56 -7.90 -16.61
C ASN B 52 10.78 -9.14 -16.20
N ASN B 53 11.42 -10.11 -15.53
CA ASN B 53 10.79 -11.43 -15.45
C ASN B 53 11.17 -12.22 -14.21
N GLN B 54 11.78 -11.60 -13.21
CA GLN B 54 12.15 -12.33 -12.02
C GLN B 54 11.17 -12.02 -10.89
N ARG B 55 10.92 -13.04 -10.06
N ARG B 55 10.92 -13.04 -10.06
CA ARG B 55 10.00 -12.90 -8.95
CA ARG B 55 10.01 -12.90 -8.94
C ARG B 55 10.77 -12.75 -7.65
C ARG B 55 10.80 -12.74 -7.64
N PRO B 56 10.43 -11.77 -6.77
CA PRO B 56 11.00 -11.73 -5.45
C PRO B 56 10.50 -12.93 -4.63
N SER B 57 11.10 -13.19 -3.47
CA SER B 57 10.57 -14.28 -2.65
C SER B 57 9.20 -13.85 -2.12
N GLY B 58 8.29 -14.82 -2.07
CA GLY B 58 6.94 -14.59 -1.58
C GLY B 58 5.96 -14.51 -2.73
N VAL B 59 6.45 -14.29 -3.96
CA VAL B 59 5.58 -14.13 -5.10
C VAL B 59 5.44 -15.49 -5.77
N PRO B 60 4.21 -16.01 -5.94
CA PRO B 60 4.05 -17.31 -6.58
C PRO B 60 4.34 -17.26 -8.08
N ASP B 61 4.50 -18.45 -8.64
CA ASP B 61 4.93 -18.61 -10.02
C ASP B 61 3.78 -18.44 -11.02
N ARG B 62 2.56 -18.24 -10.50
CA ARG B 62 1.40 -17.82 -11.28
C ARG B 62 1.59 -16.43 -11.90
N PHE B 63 2.48 -15.63 -11.30
CA PHE B 63 2.84 -14.31 -11.83
C PHE B 63 4.09 -14.39 -12.68
N SER B 64 4.03 -13.90 -13.93
CA SER B 64 5.22 -13.82 -14.72
C SER B 64 5.26 -12.52 -15.52
N GLY B 65 6.48 -12.11 -15.90
CA GLY B 65 6.68 -10.91 -16.68
C GLY B 65 7.47 -11.23 -17.94
N SER B 66 7.21 -10.48 -19.00
CA SER B 66 7.99 -10.56 -20.21
C SER B 66 8.12 -9.15 -20.80
N LYS B 67 9.05 -9.00 -21.76
CA LYS B 67 9.33 -7.70 -22.38
C LYS B 67 9.87 -8.00 -23.78
N SER B 68 9.44 -7.22 -24.77
CA SER B 68 9.92 -7.32 -26.13
C SER B 68 9.80 -5.94 -26.74
N GLY B 69 10.93 -5.42 -27.22
CA GLY B 69 10.91 -4.07 -27.78
C GLY B 69 10.60 -3.06 -26.68
N THR B 70 9.60 -2.21 -26.97
CA THR B 70 9.16 -1.14 -26.08
C THR B 70 7.85 -1.50 -25.36
N SER B 71 7.52 -2.79 -25.29
CA SER B 71 6.31 -3.24 -24.62
C SER B 71 6.69 -4.34 -23.63
N ALA B 72 5.91 -4.42 -22.56
CA ALA B 72 6.11 -5.42 -21.53
C ALA B 72 4.72 -5.89 -21.09
N SER B 73 4.69 -7.03 -20.43
CA SER B 73 3.44 -7.66 -20.09
C SER B 73 3.60 -8.41 -18.76
N LEU B 74 2.55 -8.38 -17.93
CA LEU B 74 2.46 -9.16 -16.71
C LEU B 74 1.40 -10.21 -16.96
N ALA B 75 1.72 -11.48 -16.73
CA ALA B 75 0.66 -12.49 -16.83
C ALA B 75 0.40 -13.09 -15.45
N ILE B 76 -0.89 -13.31 -15.20
CA ILE B 76 -1.37 -13.88 -13.95
C ILE B 76 -2.22 -15.09 -14.36
N SER B 77 -1.67 -16.29 -14.08
CA SER B 77 -2.37 -17.55 -14.29
C SER B 77 -3.15 -17.92 -13.04
N GLY B 78 -4.17 -18.79 -13.20
CA GLY B 78 -4.92 -19.30 -12.05
C GLY B 78 -5.54 -18.18 -11.21
N LEU B 79 -6.20 -17.24 -11.89
CA LEU B 79 -6.66 -16.02 -11.24
C LEU B 79 -7.52 -16.37 -10.03
N ARG B 80 -7.32 -15.64 -8.92
CA ARG B 80 -8.06 -15.86 -7.69
C ARG B 80 -8.63 -14.54 -7.22
N SER B 81 -9.63 -14.62 -6.33
CA SER B 81 -10.26 -13.43 -5.78
C SER B 81 -9.21 -12.49 -5.19
N GLU B 82 -8.25 -13.06 -4.49
CA GLU B 82 -7.20 -12.33 -3.79
C GLU B 82 -6.31 -11.50 -4.72
N ASP B 83 -6.38 -11.77 -6.05
CA ASP B 83 -5.59 -11.04 -7.05
C ASP B 83 -6.20 -9.69 -7.41
N GLU B 84 -7.45 -9.43 -6.97
CA GLU B 84 -8.11 -8.15 -7.21
C GLU B 84 -7.31 -7.05 -6.54
N ALA B 85 -6.83 -6.12 -7.36
CA ALA B 85 -5.79 -5.18 -6.95
C ALA B 85 -5.49 -4.24 -8.12
N ASP B 86 -4.70 -3.19 -7.82
CA ASP B 86 -4.17 -2.34 -8.87
C ASP B 86 -2.73 -2.80 -9.13
N TYR B 87 -2.41 -2.97 -10.42
CA TYR B 87 -1.09 -3.41 -10.87
C TYR B 87 -0.41 -2.23 -11.62
N TYR B 88 0.87 -2.00 -11.33
CA TYR B 88 1.65 -0.97 -12.00
C TYR B 88 2.92 -1.55 -12.59
N CYS B 89 3.34 -1.05 -13.77
CA CYS B 89 4.68 -1.32 -14.27
C CYS B 89 5.50 -0.05 -14.05
N ALA B 90 6.81 -0.20 -14.04
CA ALA B 90 7.71 0.93 -13.87
C ALA B 90 9.05 0.63 -14.54
N ALA B 91 9.77 1.70 -14.88
CA ALA B 91 11.11 1.53 -15.41
C ALA B 91 11.82 2.88 -15.36
N TRP B 92 13.14 2.81 -15.40
CA TRP B 92 14.00 3.97 -15.50
C TRP B 92 13.91 4.53 -16.92
N ASP B 93 14.02 5.86 -17.07
CA ASP B 93 14.05 6.48 -18.38
C ASP B 93 15.39 7.18 -18.53
N ASP B 94 16.22 6.72 -19.46
CA ASP B 94 17.60 7.23 -19.52
C ASP B 94 17.68 8.55 -20.31
N SER B 95 16.57 8.96 -20.91
CA SER B 95 16.53 10.23 -21.62
C SER B 95 16.22 11.37 -20.65
N LEU B 96 15.45 11.10 -19.60
CA LEU B 96 15.12 12.13 -18.62
C LEU B 96 15.74 11.91 -17.25
N SER B 97 16.40 10.76 -17.02
CA SER B 97 16.99 10.44 -15.72
C SER B 97 15.96 10.49 -14.59
N ILE B 98 14.88 9.75 -14.80
CA ILE B 98 13.75 9.69 -13.86
C ILE B 98 13.31 8.22 -13.78
N TRP B 99 12.67 7.91 -12.66
CA TRP B 99 11.89 6.69 -12.53
C TRP B 99 10.43 6.98 -12.88
N VAL B 100 9.82 6.12 -13.66
CA VAL B 100 8.45 6.30 -14.12
C VAL B 100 7.58 5.09 -13.77
N PHE B 101 6.48 5.34 -13.04
CA PHE B 101 5.40 4.38 -12.89
C PHE B 101 4.39 4.52 -14.02
N GLY B 102 3.95 3.38 -14.53
CA GLY B 102 2.80 3.33 -15.42
C GLY B 102 1.55 3.85 -14.73
N GLY B 103 0.47 4.07 -15.51
CA GLY B 103 -0.72 4.68 -14.97
C GLY B 103 -1.56 3.74 -14.10
N GLY B 104 -1.34 2.43 -14.23
CA GLY B 104 -2.00 1.48 -13.35
C GLY B 104 -3.18 0.81 -14.04
N THR B 105 -3.44 -0.44 -13.64
CA THR B 105 -4.50 -1.25 -14.19
C THR B 105 -5.26 -1.84 -13.01
N LYS B 106 -6.57 -1.56 -12.93
CA LYS B 106 -7.41 -2.22 -11.93
C LYS B 106 -7.84 -3.60 -12.43
N LEU B 107 -7.44 -4.65 -11.69
CA LEU B 107 -7.83 -5.99 -12.08
C LEU B 107 -9.08 -6.37 -11.28
N THR B 108 -10.15 -6.74 -11.98
CA THR B 108 -11.30 -7.34 -11.31
C THR B 108 -11.43 -8.82 -11.69
N VAL B 109 -11.89 -9.62 -10.73
CA VAL B 109 -12.07 -11.05 -10.97
C VAL B 109 -13.57 -11.31 -10.94
N LEU B 110 -14.17 -11.45 -12.13
CA LEU B 110 -15.63 -11.52 -12.27
C LEU B 110 -16.02 -12.96 -12.03
N GLY B 111 -17.32 -13.22 -11.77
CA GLY B 111 -17.75 -14.61 -11.71
C GLY B 111 -17.32 -15.30 -10.43
N GLN B 112 -17.05 -14.54 -9.36
CA GLN B 112 -16.86 -15.14 -8.09
C GLN B 112 -18.23 -15.61 -7.59
N PRO B 113 -18.31 -16.46 -6.56
CA PRO B 113 -19.61 -16.91 -6.06
C PRO B 113 -20.45 -15.75 -5.54
N LYS B 114 -21.72 -15.68 -5.97
CA LYS B 114 -22.64 -14.67 -5.46
C LYS B 114 -22.90 -14.85 -3.96
N ALA B 115 -23.10 -13.71 -3.29
CA ALA B 115 -23.41 -13.67 -1.87
C ALA B 115 -24.26 -12.44 -1.58
N ALA B 116 -25.43 -12.71 -1.01
CA ALA B 116 -26.39 -11.67 -0.67
C ALA B 116 -25.86 -10.89 0.55
N PRO B 117 -26.13 -9.60 0.65
CA PRO B 117 -25.62 -8.81 1.77
C PRO B 117 -26.20 -9.16 3.13
N SER B 118 -25.34 -9.16 4.14
CA SER B 118 -25.77 -9.03 5.53
CA SER B 118 -25.72 -9.04 5.53
C SER B 118 -25.94 -7.55 5.86
N VAL B 119 -27.05 -7.20 6.52
CA VAL B 119 -27.30 -5.79 6.82
C VAL B 119 -27.54 -5.65 8.33
N THR B 120 -26.86 -4.68 8.95
CA THR B 120 -27.07 -4.37 10.37
C THR B 120 -27.37 -2.89 10.45
N LEU B 121 -28.52 -2.55 11.04
CA LEU B 121 -28.95 -1.16 11.19
C LEU B 121 -28.89 -0.80 12.67
N PHE B 122 -28.03 0.14 13.00
CA PHE B 122 -27.90 0.60 14.38
C PHE B 122 -28.66 1.91 14.53
N PRO B 123 -29.54 1.98 15.55
CA PRO B 123 -30.14 3.26 15.90
C PRO B 123 -29.12 4.21 16.51
N PRO B 124 -29.47 5.49 16.74
CA PRO B 124 -28.59 6.37 17.49
C PRO B 124 -28.28 5.79 18.85
N SER B 125 -27.03 5.90 19.26
CA SER B 125 -26.64 5.50 20.59
C SER B 125 -27.27 6.44 21.61
N SER B 126 -27.48 5.89 22.79
CA SER B 126 -27.89 6.69 23.94
C SER B 126 -26.94 7.86 24.16
N GLU B 127 -25.63 7.56 24.07
CA GLU B 127 -24.61 8.60 24.25
C GLU B 127 -24.75 9.71 23.21
N GLU B 128 -24.94 9.37 21.93
CA GLU B 128 -25.04 10.38 20.90
C GLU B 128 -26.31 11.24 21.10
N LEU B 129 -27.41 10.61 21.47
CA LEU B 129 -28.65 11.33 21.69
C LEU B 129 -28.49 12.32 22.85
N GLN B 130 -27.74 11.90 23.88
CA GLN B 130 -27.50 12.78 25.02
C GLN B 130 -26.58 13.96 24.66
N ALA B 131 -25.85 13.82 23.55
CA ALA B 131 -25.04 14.89 22.98
C ALA B 131 -25.82 15.67 21.93
N ASN B 132 -27.13 15.49 21.90
CA ASN B 132 -28.03 16.24 21.03
C ASN B 132 -27.79 15.95 19.54
N LYS B 133 -27.40 14.71 19.19
CA LYS B 133 -27.19 14.35 17.79
C LYS B 133 -27.81 12.97 17.59
N ALA B 134 -28.04 12.57 16.33
CA ALA B 134 -28.66 11.29 16.05
C ALA B 134 -28.18 10.81 14.69
N THR B 135 -27.55 9.63 14.68
CA THR B 135 -27.04 9.06 13.44
C THR B 135 -27.51 7.61 13.37
N LEU B 136 -28.19 7.27 12.26
CA LEU B 136 -28.54 5.88 11.98
C LEU B 136 -27.39 5.32 11.14
N VAL B 137 -26.95 4.11 11.48
CA VAL B 137 -25.78 3.53 10.84
C VAL B 137 -26.16 2.17 10.26
N CYS B 138 -26.12 2.12 8.93
CA CYS B 138 -26.47 0.95 8.14
C CYS B 138 -25.18 0.36 7.57
N LEU B 139 -24.80 -0.78 8.14
CA LEU B 139 -23.58 -1.46 7.73
C LEU B 139 -23.93 -2.71 6.93
N ILE B 140 -23.26 -2.86 5.79
CA ILE B 140 -23.61 -3.82 4.76
C ILE B 140 -22.39 -4.67 4.44
N SER B 141 -22.50 -6.01 4.55
CA SER B 141 -21.29 -6.82 4.51
C SER B 141 -21.53 -8.13 3.80
N ASP B 142 -20.43 -8.77 3.39
CA ASP B 142 -20.38 -10.16 2.95
C ASP B 142 -21.09 -10.37 1.62
N PHE B 143 -21.02 -9.39 0.71
CA PHE B 143 -21.76 -9.49 -0.53
C PHE B 143 -20.79 -9.57 -1.71
N TYR B 144 -21.33 -10.15 -2.78
CA TYR B 144 -20.64 -10.28 -4.06
C TYR B 144 -21.70 -10.47 -5.14
N PRO B 145 -21.75 -9.75 -6.27
CA PRO B 145 -20.75 -8.75 -6.68
C PRO B 145 -20.76 -7.51 -5.80
N GLY B 146 -19.72 -6.69 -5.98
CA GLY B 146 -19.48 -5.59 -5.07
C GLY B 146 -20.19 -4.33 -5.50
N ALA B 147 -21.52 -4.38 -5.58
CA ALA B 147 -22.33 -3.27 -6.03
C ALA B 147 -23.68 -3.38 -5.33
N VAL B 148 -24.12 -2.30 -4.67
CA VAL B 148 -25.41 -2.22 -4.00
C VAL B 148 -25.97 -0.83 -4.21
N THR B 149 -27.29 -0.74 -3.96
N THR B 149 -27.30 -0.67 -4.07
CA THR B 149 -28.05 0.50 -3.90
CA THR B 149 -27.84 0.67 -3.85
C THR B 149 -28.67 0.63 -2.52
C THR B 149 -28.56 0.64 -2.51
N VAL B 150 -28.55 1.80 -1.87
CA VAL B 150 -29.09 1.96 -0.53
C VAL B 150 -30.18 3.02 -0.56
N ALA B 151 -31.35 2.68 -0.01
CA ALA B 151 -32.45 3.63 0.13
C ALA B 151 -32.86 3.69 1.59
N TRP B 152 -33.12 4.91 2.06
CA TRP B 152 -33.65 5.10 3.40
C TRP B 152 -35.12 5.53 3.35
N LYS B 153 -35.88 5.06 4.35
CA LYS B 153 -37.27 5.42 4.58
C LYS B 153 -37.48 5.89 6.02
N ALA B 154 -38.40 6.84 6.18
CA ALA B 154 -38.97 7.14 7.49
C ALA B 154 -40.50 6.96 7.37
N ASP B 155 -41.05 6.01 8.14
CA ASP B 155 -42.40 5.50 7.94
C ASP B 155 -42.83 5.47 6.47
N SER B 156 -42.15 4.67 5.65
CA SER B 156 -42.58 4.39 4.28
C SER B 156 -42.23 5.52 3.30
N SER B 157 -41.90 6.74 3.75
CA SER B 157 -41.55 7.78 2.82
C SER B 157 -40.05 7.80 2.58
N PRO B 158 -39.59 8.05 1.34
CA PRO B 158 -38.17 8.16 1.05
C PRO B 158 -37.52 9.36 1.72
N VAL B 159 -36.31 9.17 2.22
CA VAL B 159 -35.47 10.22 2.76
C VAL B 159 -34.24 10.32 1.88
N LYS B 160 -33.90 11.53 1.44
CA LYS B 160 -32.65 11.70 0.71
C LYS B 160 -31.74 12.70 1.44
N ALA B 161 -32.33 13.61 2.24
CA ALA B 161 -31.53 14.59 2.96
C ALA B 161 -30.82 13.89 4.12
N GLY B 162 -29.55 14.23 4.29
CA GLY B 162 -28.72 13.79 5.43
C GLY B 162 -28.16 12.36 5.26
N VAL B 163 -28.18 11.84 4.01
CA VAL B 163 -27.67 10.52 3.68
C VAL B 163 -26.27 10.63 3.11
N GLU B 164 -25.34 9.80 3.62
CA GLU B 164 -24.01 9.62 3.04
C GLU B 164 -23.73 8.12 2.93
N THR B 165 -23.19 7.67 1.79
CA THR B 165 -23.01 6.24 1.54
C THR B 165 -21.61 6.05 0.99
N THR B 166 -20.90 5.01 1.43
CA THR B 166 -19.59 4.75 0.89
C THR B 166 -19.69 3.79 -0.31
N THR B 167 -18.67 3.86 -1.17
CA THR B 167 -18.49 2.91 -2.27
C THR B 167 -18.04 1.58 -1.68
N PRO B 168 -18.58 0.44 -2.17
CA PRO B 168 -18.15 -0.87 -1.64
C PRO B 168 -16.65 -1.06 -1.74
N SER B 169 -16.08 -1.68 -0.72
CA SER B 169 -14.69 -2.08 -0.83
C SER B 169 -14.51 -3.47 -0.23
N LYS B 170 -13.34 -4.04 -0.49
CA LYS B 170 -13.10 -5.44 -0.19
C LYS B 170 -12.82 -5.67 1.29
N GLN B 171 -13.43 -6.71 1.83
CA GLN B 171 -13.19 -7.21 3.18
C GLN B 171 -11.99 -8.15 3.17
N SER B 172 -11.54 -8.49 4.38
CA SER B 172 -10.51 -9.50 4.65
C SER B 172 -10.82 -10.85 3.99
N ASN B 173 -12.10 -11.22 3.95
CA ASN B 173 -12.49 -12.54 3.48
C ASN B 173 -12.85 -12.52 2.01
N ASN B 174 -12.50 -11.45 1.30
CA ASN B 174 -12.63 -11.34 -0.15
C ASN B 174 -14.04 -11.00 -0.63
N LYS B 175 -15.02 -10.90 0.28
CA LYS B 175 -16.30 -10.31 -0.09
C LYS B 175 -16.22 -8.78 0.04
N TYR B 176 -17.34 -8.11 -0.27
CA TYR B 176 -17.45 -6.67 -0.26
C TYR B 176 -18.39 -6.19 0.87
N ALA B 177 -18.14 -4.94 1.27
CA ALA B 177 -18.85 -4.26 2.33
C ALA B 177 -19.08 -2.80 1.92
N ALA B 178 -20.14 -2.18 2.44
CA ALA B 178 -20.44 -0.76 2.25
C ALA B 178 -21.17 -0.22 3.49
N SER B 179 -21.22 1.11 3.60
CA SER B 179 -21.85 1.74 4.76
C SER B 179 -22.71 2.91 4.31
N SER B 180 -23.76 3.18 5.09
CA SER B 180 -24.62 4.29 4.83
C SER B 180 -25.06 4.88 6.15
N TYR B 181 -25.20 6.20 6.16
CA TYR B 181 -25.57 6.95 7.35
C TYR B 181 -26.74 7.87 7.04
N LEU B 182 -27.68 7.98 7.98
CA LEU B 182 -28.72 9.00 7.98
C LEU B 182 -28.57 9.86 9.23
N SER B 183 -28.21 11.14 9.03
CA SER B 183 -28.08 12.15 10.08
C SER B 183 -29.41 12.82 10.33
N LEU B 184 -29.87 12.82 11.58
CA LEU B 184 -31.15 13.39 12.00
C LEU B 184 -30.88 14.24 13.24
N THR B 185 -31.82 15.14 13.59
CA THR B 185 -31.82 15.72 14.93
C THR B 185 -32.54 14.73 15.81
N PRO B 186 -32.36 14.78 17.15
CA PRO B 186 -33.10 13.91 18.05
C PRO B 186 -34.61 14.04 17.89
N GLU B 187 -35.06 15.27 17.63
CA GLU B 187 -36.49 15.53 17.49
C GLU B 187 -37.01 14.77 16.26
N GLN B 188 -36.31 14.87 15.14
CA GLN B 188 -36.65 14.16 13.91
C GLN B 188 -36.64 12.65 14.13
N TRP B 189 -35.62 12.15 14.86
CA TRP B 189 -35.54 10.74 15.22
C TRP B 189 -36.79 10.29 15.95
N LYS B 190 -37.23 11.06 16.95
CA LYS B 190 -38.40 10.69 17.72
C LYS B 190 -39.70 11.05 17.01
N SER B 191 -39.66 11.74 15.87
CA SER B 191 -40.87 12.16 15.15
C SER B 191 -41.57 10.99 14.45
N HIS B 192 -40.81 9.94 14.07
CA HIS B 192 -41.34 8.88 13.22
C HIS B 192 -41.49 7.59 14.02
N ARG B 193 -42.42 6.71 13.58
CA ARG B 193 -42.60 5.42 14.23
C ARG B 193 -41.44 4.46 13.89
N SER B 194 -40.86 4.58 12.70
CA SER B 194 -39.78 3.65 12.34
C SER B 194 -38.96 4.27 11.21
N TYR B 195 -37.72 3.76 11.07
CA TYR B 195 -36.85 4.12 9.97
C TYR B 195 -36.31 2.82 9.38
N SER B 196 -36.06 2.81 8.07
CA SER B 196 -35.54 1.60 7.46
CA SER B 196 -35.60 1.61 7.38
C SER B 196 -34.42 1.95 6.49
N CYS B 197 -33.47 1.01 6.46
CA CYS B 197 -32.35 0.97 5.56
C CYS B 197 -32.65 -0.16 4.60
N GLN B 198 -32.76 0.15 3.30
CA GLN B 198 -33.10 -0.86 2.31
C GLN B 198 -31.98 -1.04 1.30
N VAL B 199 -31.46 -2.26 1.21
CA VAL B 199 -30.27 -2.47 0.40
C VAL B 199 -30.62 -3.37 -0.77
N THR B 200 -30.41 -2.88 -1.99
CA THR B 200 -30.71 -3.63 -3.20
C THR B 200 -29.41 -4.21 -3.75
N HIS B 201 -29.45 -5.52 -4.02
CA HIS B 201 -28.30 -6.23 -4.54
C HIS B 201 -28.80 -7.22 -5.58
N GLU B 202 -28.35 -7.05 -6.84
CA GLU B 202 -28.71 -7.98 -7.89
C GLU B 202 -30.23 -8.16 -7.89
N GLY B 203 -30.92 -7.03 -7.83
CA GLY B 203 -32.32 -6.97 -8.15
C GLY B 203 -33.23 -7.42 -7.01
N SER B 204 -32.61 -7.84 -5.88
CA SER B 204 -33.29 -8.27 -4.66
CA SER B 204 -33.34 -8.23 -4.68
C SER B 204 -32.90 -7.38 -3.49
N THR B 205 -33.71 -7.33 -2.43
CA THR B 205 -33.58 -6.27 -1.43
C THR B 205 -33.66 -6.86 -0.03
N VAL B 206 -32.77 -6.39 0.83
CA VAL B 206 -32.81 -6.70 2.25
C VAL B 206 -33.03 -5.39 3.00
N GLU B 207 -34.03 -5.37 3.88
CA GLU B 207 -34.39 -4.17 4.61
C GLU B 207 -34.33 -4.43 6.12
N LYS B 208 -33.74 -3.46 6.84
CA LYS B 208 -33.69 -3.53 8.28
C LYS B 208 -34.40 -2.29 8.82
N THR B 209 -35.11 -2.45 9.94
CA THR B 209 -35.94 -1.40 10.51
CA THR B 209 -35.89 -1.36 10.48
C THR B 209 -35.49 -1.13 11.94
N VAL B 210 -35.57 0.13 12.39
CA VAL B 210 -35.40 0.47 13.79
C VAL B 210 -36.52 1.45 14.18
N ALA B 211 -36.83 1.49 15.47
CA ALA B 211 -37.91 2.34 15.97
C ALA B 211 -37.43 3.06 17.22
N PRO B 212 -37.74 4.36 17.38
CA PRO B 212 -37.32 5.09 18.57
C PRO B 212 -37.93 4.56 19.86
N THR B 213 -39.09 3.90 19.78
CA THR B 213 -39.80 3.44 20.97
C THR B 213 -39.39 2.01 21.29
N GLU B 214 -38.58 1.39 20.43
CA GLU B 214 -38.22 -0.02 20.58
C GLU B 214 -36.72 -0.07 20.78
N CYS B 215 -36.26 -0.75 21.84
CA CYS B 215 -34.82 -0.97 22.02
C CYS B 215 -34.32 -1.90 20.91
N SER B 216 -33.57 -1.34 19.94
CA SER B 216 -33.00 -2.09 18.82
C SER B 216 -31.48 -2.04 18.95
N ARG C 7 26.49 -33.09 -7.39
CA ARG C 7 25.68 -32.69 -6.21
C ARG C 7 25.27 -31.22 -6.37
N PRO C 8 23.95 -30.89 -6.27
CA PRO C 8 23.49 -29.53 -6.50
C PRO C 8 23.96 -28.55 -5.42
N TRP C 9 24.10 -27.29 -5.81
CA TRP C 9 24.29 -26.18 -4.89
C TRP C 9 23.76 -24.88 -5.52
N ASN C 10 23.31 -23.98 -4.65
CA ASN C 10 22.63 -22.77 -5.06
C ASN C 10 23.63 -21.71 -5.51
N PRO C 11 23.25 -20.89 -6.52
CA PRO C 11 24.13 -19.83 -6.98
C PRO C 11 24.12 -18.68 -5.98
N PRO C 12 25.10 -17.75 -6.06
CA PRO C 12 25.04 -16.52 -5.30
C PRO C 12 23.88 -15.66 -5.79
N THR C 13 23.44 -14.73 -4.92
CA THR C 13 22.48 -13.71 -5.31
C THR C 13 23.24 -12.38 -5.37
N PHE C 14 22.72 -11.49 -6.19
CA PHE C 14 23.34 -10.23 -6.50
C PHE C 14 22.27 -9.15 -6.56
N SER C 15 22.46 -8.12 -5.73
CA SER C 15 21.42 -7.14 -5.41
CA SER C 15 21.42 -7.11 -5.54
C SER C 15 22.05 -5.75 -5.30
N PRO C 16 21.35 -4.61 -5.56
CA PRO C 16 19.98 -4.58 -6.05
C PRO C 16 19.93 -4.81 -7.56
N ALA C 17 18.71 -4.91 -8.11
CA ALA C 17 18.50 -5.21 -9.53
C ALA C 17 18.94 -4.06 -10.44
N LEU C 18 18.79 -2.86 -9.89
CA LEU C 18 19.11 -1.61 -10.57
C LEU C 18 19.65 -0.64 -9.56
N LEU C 19 20.80 -0.03 -9.92
CA LEU C 19 21.45 0.99 -9.13
C LEU C 19 21.67 2.21 -10.03
N VAL C 20 21.22 3.38 -9.57
CA VAL C 20 21.36 4.62 -10.33
C VAL C 20 22.20 5.57 -9.49
N VAL C 21 23.28 6.12 -10.09
CA VAL C 21 24.13 7.09 -9.40
C VAL C 21 24.62 8.12 -10.43
N THR C 22 25.06 9.25 -9.91
CA THR C 22 25.66 10.30 -10.71
C THR C 22 27.17 10.08 -10.77
N GLU C 23 27.76 10.45 -11.91
CA GLU C 23 29.21 10.35 -12.11
C GLU C 23 29.90 10.97 -10.90
N GLY C 24 30.82 10.20 -10.30
CA GLY C 24 31.63 10.66 -9.18
C GLY C 24 31.22 10.03 -7.86
N ASP C 25 29.98 9.56 -7.80
CA ASP C 25 29.56 8.86 -6.60
C ASP C 25 30.15 7.44 -6.64
N ASN C 26 29.97 6.73 -5.55
CA ASN C 26 30.20 5.29 -5.48
C ASN C 26 28.88 4.51 -5.57
N ALA C 27 28.99 3.28 -6.05
CA ALA C 27 27.88 2.36 -6.18
C ALA C 27 28.30 1.01 -5.62
N THR C 28 27.48 0.47 -4.73
CA THR C 28 27.76 -0.78 -4.09
C THR C 28 26.63 -1.77 -4.35
N PHE C 29 26.98 -2.94 -4.91
CA PHE C 29 26.12 -4.10 -4.96
C PHE C 29 26.42 -5.03 -3.79
N THR C 30 25.48 -5.91 -3.46
CA THR C 30 25.73 -6.94 -2.48
C THR C 30 25.65 -8.30 -3.17
N CYS C 31 26.72 -9.12 -3.05
CA CYS C 31 26.73 -10.52 -3.49
C CYS C 31 26.58 -11.40 -2.23
N SER C 32 25.58 -12.29 -2.21
CA SER C 32 25.34 -13.19 -1.10
C SER C 32 25.56 -14.64 -1.55
N PHE C 33 26.36 -15.40 -0.79
CA PHE C 33 26.64 -16.79 -1.14
C PHE C 33 26.62 -17.66 0.13
N SER C 34 25.70 -18.63 0.15
CA SER C 34 25.64 -19.71 1.12
C SER C 34 26.59 -20.85 0.74
N ASN C 35 27.88 -20.69 1.02
CA ASN C 35 28.85 -21.74 0.76
C ASN C 35 28.60 -22.95 1.68
N THR C 36 28.83 -24.14 1.13
CA THR C 36 28.66 -25.39 1.85
C THR C 36 30.01 -25.91 2.34
N SER C 37 31.12 -25.22 1.99
CA SER C 37 32.47 -25.53 2.43
C SER C 37 33.29 -24.26 2.34
N GLU C 38 34.60 -24.34 2.63
CA GLU C 38 35.47 -23.18 2.51
C GLU C 38 36.29 -23.14 1.22
N SER C 39 36.13 -24.14 0.34
CA SER C 39 36.89 -24.05 -0.91
C SER C 39 36.06 -23.36 -1.98
N PHE C 40 36.09 -22.04 -1.94
CA PHE C 40 35.46 -21.27 -3.00
C PHE C 40 36.12 -19.91 -3.08
N VAL C 41 35.86 -19.25 -4.20
N VAL C 41 35.96 -19.26 -4.22
CA VAL C 41 36.28 -17.89 -4.50
CA VAL C 41 36.26 -17.85 -4.39
C VAL C 41 35.12 -17.18 -5.21
C VAL C 41 34.98 -17.21 -4.93
N LEU C 42 34.98 -15.87 -4.97
CA LEU C 42 33.89 -15.07 -5.49
C LEU C 42 34.45 -14.07 -6.48
N ASN C 43 33.90 -14.05 -7.70
CA ASN C 43 34.32 -13.11 -8.72
C ASN C 43 33.18 -12.12 -9.01
N TRP C 44 33.59 -10.90 -9.37
CA TRP C 44 32.64 -9.88 -9.81
C TRP C 44 32.89 -9.60 -11.28
N TYR C 45 31.83 -9.65 -12.08
CA TYR C 45 31.95 -9.44 -13.50
C TYR C 45 31.04 -8.34 -14.02
N ARG C 46 31.43 -7.81 -15.18
CA ARG C 46 30.58 -6.97 -16.01
C ARG C 46 30.46 -7.58 -17.40
N MET C 47 29.34 -7.33 -18.08
CA MET C 47 29.14 -7.75 -19.46
C MET C 47 29.72 -6.71 -20.41
N SER C 48 30.57 -7.19 -21.33
CA SER C 48 31.26 -6.37 -22.31
C SER C 48 30.30 -6.01 -23.44
N PRO C 49 30.61 -4.99 -24.29
CA PRO C 49 29.86 -4.76 -25.52
C PRO C 49 29.72 -6.05 -26.35
N SER C 50 30.81 -6.81 -26.35
CA SER C 50 30.91 -8.13 -26.98
C SER C 50 29.90 -9.14 -26.41
N ASN C 51 29.27 -8.83 -25.26
CA ASN C 51 28.40 -9.75 -24.54
C ASN C 51 29.22 -10.86 -23.90
N GLN C 52 30.38 -10.50 -23.35
CA GLN C 52 31.24 -11.46 -22.66
C GLN C 52 31.59 -10.94 -21.27
N THR C 53 31.65 -11.85 -20.30
CA THR C 53 31.96 -11.45 -18.94
C THR C 53 33.40 -10.93 -18.89
N ASP C 54 33.56 -9.70 -18.42
CA ASP C 54 34.84 -9.15 -18.02
C ASP C 54 34.95 -9.21 -16.50
N LYS C 55 36.04 -9.84 -15.99
CA LYS C 55 36.25 -9.94 -14.55
C LYS C 55 36.79 -8.62 -14.01
N LEU C 56 36.20 -8.15 -12.91
CA LEU C 56 36.52 -6.86 -12.32
C LEU C 56 37.35 -7.05 -11.07
N ALA C 57 37.09 -8.11 -10.31
CA ALA C 57 37.69 -8.28 -9.01
C ALA C 57 37.30 -9.66 -8.52
N ALA C 58 37.97 -10.10 -7.44
CA ALA C 58 37.69 -11.38 -6.83
C ALA C 58 37.87 -11.23 -5.33
N PHE C 59 37.28 -12.15 -4.60
CA PHE C 59 37.62 -12.34 -3.22
C PHE C 59 37.90 -13.81 -2.94
N PRO C 60 39.06 -14.19 -2.34
CA PRO C 60 40.16 -13.27 -2.02
C PRO C 60 40.74 -12.53 -3.23
N GLU C 61 41.56 -11.49 -2.99
CA GLU C 61 41.98 -10.52 -4.01
C GLU C 61 42.64 -11.19 -5.22
N ASP C 69 40.67 -0.34 -12.28
CA ASP C 69 41.07 -1.61 -11.60
C ASP C 69 40.95 -1.44 -10.08
N CYS C 70 41.70 -0.49 -9.50
CA CYS C 70 41.59 -0.17 -8.08
C CYS C 70 40.22 0.43 -7.74
N ARG C 71 39.51 0.93 -8.77
CA ARG C 71 38.16 1.44 -8.59
C ARG C 71 37.15 0.33 -8.26
N PHE C 72 37.43 -0.94 -8.62
CA PHE C 72 36.52 -2.05 -8.31
C PHE C 72 37.01 -2.87 -7.12
N ARG C 73 36.29 -2.76 -5.99
CA ARG C 73 36.69 -3.36 -4.72
C ARG C 73 35.65 -4.36 -4.24
N VAL C 74 36.10 -5.45 -3.63
CA VAL C 74 35.23 -6.47 -3.04
C VAL C 74 35.60 -6.61 -1.56
N THR C 75 34.59 -6.62 -0.70
CA THR C 75 34.77 -6.67 0.74
C THR C 75 33.88 -7.76 1.30
N GLN C 76 34.49 -8.65 2.08
CA GLN C 76 33.80 -9.74 2.73
C GLN C 76 33.30 -9.23 4.07
N LEU C 77 32.01 -9.43 4.38
CA LEU C 77 31.45 -8.96 5.62
C LEU C 77 31.63 -10.03 6.69
N PRO C 78 31.60 -9.64 7.99
CA PRO C 78 31.68 -10.58 9.11
C PRO C 78 30.62 -11.68 9.19
N ASN C 79 29.51 -11.57 8.45
CA ASN C 79 28.45 -12.55 8.66
C ASN C 79 28.73 -13.88 7.93
N GLY C 80 29.79 -13.97 7.12
CA GLY C 80 30.09 -15.26 6.50
C GLY C 80 29.06 -15.69 5.45
N ARG C 81 28.56 -14.69 4.72
CA ARG C 81 27.60 -14.86 3.64
C ARG C 81 27.76 -13.78 2.58
N ASP C 82 27.82 -12.51 3.03
CA ASP C 82 27.65 -11.36 2.16
C ASP C 82 28.96 -10.67 1.87
N PHE C 83 28.98 -10.06 0.67
CA PHE C 83 30.12 -9.36 0.13
C PHE C 83 29.60 -8.05 -0.48
N HIS C 84 30.33 -6.96 -0.25
CA HIS C 84 30.05 -5.69 -0.90
C HIS C 84 31.00 -5.54 -2.06
N MET C 85 30.41 -5.22 -3.22
CA MET C 85 31.13 -5.01 -4.45
C MET C 85 30.89 -3.58 -4.93
N SER C 86 31.93 -2.74 -4.86
CA SER C 86 31.81 -1.30 -4.99
C SER C 86 32.58 -0.76 -6.18
N VAL C 87 31.90 0.08 -6.98
CA VAL C 87 32.52 0.91 -7.99
C VAL C 87 32.82 2.24 -7.28
N VAL C 88 34.10 2.57 -7.13
CA VAL C 88 34.52 3.83 -6.56
C VAL C 88 34.66 4.87 -7.66
N ARG C 89 34.00 6.03 -7.51
CA ARG C 89 34.11 7.11 -8.46
C ARG C 89 33.56 6.73 -9.82
N ALA C 90 32.28 6.31 -9.82
CA ALA C 90 31.64 5.79 -11.01
C ALA C 90 31.75 6.77 -12.17
N ARG C 91 31.86 6.23 -13.38
CA ARG C 91 31.89 7.03 -14.59
C ARG C 91 30.73 6.65 -15.47
N ARG C 92 30.39 7.52 -16.40
CA ARG C 92 29.27 7.27 -17.29
C ARG C 92 29.40 5.92 -18.00
N ASN C 93 30.63 5.55 -18.35
CA ASN C 93 30.88 4.36 -19.21
C ASN C 93 30.93 3.09 -18.33
N ASP C 94 30.77 3.24 -17.01
CA ASP C 94 30.55 2.10 -16.09
C ASP C 94 29.10 1.62 -16.17
N SER C 95 28.22 2.39 -16.79
CA SER C 95 26.82 1.98 -17.04
C SER C 95 26.79 0.65 -17.79
N GLY C 96 26.03 -0.31 -17.28
CA GLY C 96 25.90 -1.61 -17.94
C GLY C 96 25.41 -2.69 -17.01
N THR C 97 25.71 -3.94 -17.37
CA THR C 97 25.16 -5.13 -16.70
C THR C 97 26.28 -5.83 -15.94
N TYR C 98 25.99 -6.17 -14.70
CA TYR C 98 26.95 -6.73 -13.71
C TYR C 98 26.36 -8.01 -13.09
N LEU C 99 27.27 -8.82 -12.57
CA LEU C 99 26.89 -10.10 -11.93
C LEU C 99 28.05 -10.53 -11.02
N CYS C 100 27.74 -11.46 -10.12
CA CYS C 100 28.80 -12.15 -9.35
C CYS C 100 28.74 -13.64 -9.66
N GLY C 101 29.85 -14.30 -9.40
CA GLY C 101 30.04 -15.72 -9.69
C GLY C 101 30.82 -16.39 -8.59
N ALA C 102 30.27 -17.46 -8.06
CA ALA C 102 30.94 -18.31 -7.06
C ALA C 102 31.62 -19.47 -7.79
N ILE C 103 32.90 -19.65 -7.49
CA ILE C 103 33.67 -20.80 -8.01
C ILE C 103 33.98 -21.77 -6.86
N SER C 104 33.38 -22.95 -6.91
CA SER C 104 33.83 -24.10 -6.10
C SER C 104 35.23 -24.52 -6.57
N LEU C 105 36.17 -24.62 -5.65
CA LEU C 105 37.56 -25.03 -5.98
C LEU C 105 37.70 -26.56 -5.88
N ALA C 106 36.84 -27.18 -5.07
CA ALA C 106 36.88 -28.62 -4.79
C ALA C 106 35.51 -29.05 -4.27
N PRO C 107 35.07 -30.30 -4.52
CA PRO C 107 35.88 -31.37 -5.20
C PRO C 107 35.91 -31.26 -6.72
N LYS C 108 35.07 -30.39 -7.27
CA LYS C 108 35.01 -30.16 -8.73
C LYS C 108 34.93 -28.65 -9.01
N ALA C 109 35.92 -28.12 -9.72
CA ALA C 109 35.94 -26.70 -10.07
C ALA C 109 34.73 -26.40 -10.97
N GLN C 110 33.89 -25.48 -10.50
CA GLN C 110 32.60 -25.14 -11.14
C GLN C 110 32.20 -23.70 -10.78
N ILE C 111 31.75 -22.94 -11.77
CA ILE C 111 31.24 -21.56 -11.53
C ILE C 111 29.71 -21.56 -11.61
N LYS C 112 29.09 -20.86 -10.67
CA LYS C 112 27.66 -20.52 -10.75
C LYS C 112 27.51 -18.99 -10.66
N GLU C 113 26.87 -18.45 -11.68
CA GLU C 113 26.58 -17.01 -11.82
C GLU C 113 25.28 -16.65 -11.09
N SER C 114 25.31 -15.49 -10.44
CA SER C 114 24.14 -14.71 -10.00
C SER C 114 23.25 -14.33 -11.19
N LEU C 115 22.03 -13.91 -10.89
CA LEU C 115 21.26 -13.05 -11.81
C LEU C 115 22.06 -11.76 -12.07
N ARG C 116 21.78 -11.16 -13.21
CA ARG C 116 22.45 -9.91 -13.63
C ARG C 116 21.65 -8.70 -13.10
N ALA C 117 22.40 -7.66 -12.74
CA ALA C 117 21.83 -6.38 -12.27
C ALA C 117 22.37 -5.26 -13.15
N GLU C 118 21.73 -4.10 -13.05
CA GLU C 118 22.04 -2.97 -13.93
C GLU C 118 22.57 -1.80 -13.07
N LEU C 119 23.61 -1.16 -13.58
CA LEU C 119 24.14 0.13 -13.08
C LEU C 119 23.89 1.19 -14.16
N ARG C 120 23.31 2.30 -13.74
CA ARG C 120 23.14 3.50 -14.60
C ARG C 120 23.86 4.65 -13.92
N VAL C 121 24.85 5.20 -14.64
CA VAL C 121 25.68 6.32 -14.13
C VAL C 121 25.35 7.56 -14.97
N THR C 122 24.89 8.60 -14.29
CA THR C 122 24.27 9.78 -14.91
C THR C 122 25.25 10.93 -14.91
N GLU C 123 24.98 11.91 -15.75
CA GLU C 123 25.77 13.16 -15.86
C GLU C 123 25.45 14.09 -14.68
N ARG C 124 26.48 14.58 -14.01
CA ARG C 124 26.30 15.54 -12.89
C ARG C 124 25.77 16.87 -13.47
N ARG C 125 24.55 17.24 -13.06
CA ARG C 125 23.82 18.43 -13.54
C ARG C 125 24.61 19.71 -13.20
C1 NAG D . 33.74 6.45 -2.31
C2 NAG D . 33.53 7.55 -1.29
C3 NAG D . 34.87 8.10 -0.80
C4 NAG D . 35.82 6.98 -0.40
C5 NAG D . 35.91 5.94 -1.52
C6 NAG D . 36.78 4.76 -1.19
C7 NAG D . 31.48 8.88 -1.43
C8 NAG D . 30.94 8.00 -0.34
N2 NAG D . 32.72 8.62 -1.83
O3 NAG D . 34.63 8.96 0.29
O4 NAG D . 37.11 7.54 -0.19
O5 NAG D . 34.60 5.44 -1.79
O6 NAG D . 36.43 4.19 0.07
O7 NAG D . 30.81 9.80 -1.90
C1 NAG D . 37.84 7.16 0.93
C2 NAG D . 39.20 7.83 0.72
C3 NAG D . 40.03 7.82 2.00
C4 NAG D . 39.20 8.29 3.18
C5 NAG D . 37.93 7.45 3.29
C6 NAG D . 37.04 7.87 4.43
C7 NAG D . 39.98 7.67 -1.58
C8 NAG D . 40.53 6.76 -2.64
N2 NAG D . 39.87 7.14 -0.36
O3 NAG D . 41.16 8.64 1.81
O4 NAG D . 39.96 8.12 4.38
O5 NAG D . 37.16 7.62 2.09
O6 NAG D . 36.54 9.19 4.21
O7 NAG D . 39.62 8.81 -1.82
C1 FUC D . 37.23 3.09 0.42
C2 FUC D . 37.02 2.82 1.89
C3 FUC D . 35.62 2.30 2.19
C4 FUC D . 35.28 1.13 1.28
C5 FUC D . 35.47 1.55 -0.17
C6 FUC D . 35.20 0.45 -1.16
O2 FUC D . 37.26 4.00 2.64
O3 FUC D . 35.55 1.90 3.55
O4 FUC D . 36.11 0.01 1.58
O5 FUC D . 36.85 1.96 -0.36
C1 NAG E . 31.65 -20.50 4.32
C2 NAG E . 32.04 -21.47 5.43
C3 NAG E . 32.43 -20.67 6.66
C4 NAG E . 33.47 -19.65 6.27
C5 NAG E . 32.99 -18.73 5.15
C6 NAG E . 34.03 -17.74 4.72
C7 NAG E . 31.07 -23.67 5.55
C8 NAG E . 29.81 -24.46 5.75
N2 NAG E . 30.97 -22.38 5.78
O3 NAG E . 32.88 -21.56 7.68
O4 NAG E . 33.64 -18.80 7.35
O5 NAG E . 32.68 -19.55 4.03
O6 NAG E . 35.28 -18.41 4.47
O7 NAG E . 32.12 -24.19 5.20
C1 NAG E . 34.71 -18.73 8.30
C2 NAG E . 35.19 -17.45 9.04
C3 NAG E . 36.51 -17.62 9.72
C4 NAG E . 36.56 -18.95 10.46
C5 NAG E . 36.36 -20.11 9.50
C6 NAG E . 36.39 -21.46 10.19
C7 NAG E . 33.98 -15.55 8.07
C8 NAG E . 34.13 -14.26 7.34
N2 NAG E . 35.08 -16.31 8.15
O3 NAG E . 36.58 -16.51 10.60
O4 NAG E . 37.86 -19.04 11.06
O5 NAG E . 35.07 -20.05 8.84
O6 NAG E . 35.24 -21.67 11.00
O7 NAG E . 32.91 -15.89 8.56
C1 FUC E . 36.40 -17.59 4.28
C2 FUC E . 37.62 -18.52 4.29
C3 FUC E . 37.53 -19.44 3.07
C4 FUC E . 37.37 -18.62 1.79
C5 FUC E . 36.18 -17.67 1.91
C6 FUC E . 36.07 -16.73 0.72
O2 FUC E . 37.72 -19.23 5.51
O3 FUC E . 38.66 -20.29 2.99
O4 FUC E . 38.56 -17.86 1.52
O5 FUC E . 36.26 -16.83 3.09
C1 EDO F . 16.37 -8.24 -6.12
O1 EDO F . 17.51 -7.43 -6.26
C2 EDO F . 15.08 -7.50 -5.99
O2 EDO F . 15.10 -6.40 -5.07
C1 EDO G . -22.78 11.15 9.12
O1 EDO G . -22.27 11.18 7.80
C2 EDO G . -21.97 10.36 10.06
O2 EDO G . -21.41 11.15 11.13
C1 EDO H . 24.84 10.85 4.03
O1 EDO H . 24.57 11.96 3.20
C2 EDO H . 24.68 11.30 5.41
O2 EDO H . 24.31 10.27 6.27
S DMS I . -9.70 -11.26 22.15
O DMS I . -9.72 -9.84 22.45
C1 DMS I . -11.37 -11.83 22.22
C2 DMS I . -9.14 -12.06 23.65
P PO4 J . -5.89 3.22 -11.12
O1 PO4 J . -6.09 3.32 -12.66
O2 PO4 J . -7.23 3.28 -10.43
O3 PO4 J . -5.19 1.89 -10.78
O4 PO4 J . -5.05 4.41 -10.60
C1 EDO K . -23.50 -6.54 8.81
O1 EDO K . -24.04 -5.71 7.86
C2 EDO K . -22.33 -5.90 9.46
O2 EDO K . -21.51 -6.96 9.92
C1 NAG L . 35.63 5.78 -19.47
C2 NAG L . 36.73 5.55 -20.51
C3 NAG L . 37.95 6.40 -20.16
C4 NAG L . 37.57 7.86 -19.98
C5 NAG L . 36.41 7.98 -18.99
C6 NAG L . 35.89 9.39 -18.90
C7 NAG L . 37.72 3.58 -21.57
C8 NAG L . 37.29 3.96 -22.96
N2 NAG L . 37.04 4.15 -20.57
O3 NAG L . 38.94 6.27 -21.17
O4 NAG L . 38.69 8.57 -19.47
O5 NAG L . 35.31 7.16 -19.43
O6 NAG L . 34.76 9.47 -18.05
O7 NAG L . 38.63 2.78 -21.37
#